data_1TXS
#
_entry.id   1TXS
#
_entity_poly.entity_id   1
_entity_poly.type   'polyribonucleotide'
_entity_poly.pdbx_seq_one_letter_code
;GGGCUAGCACUCUGGUAUUACGGUACCUUUGUGCGCCC
;
_entity_poly.pdbx_strand_id   A
#